data_7U8C
#
_entry.id   7U8C
#
_cell.length_a   64.832
_cell.length_b   64.832
_cell.length_c   250.134
_cell.angle_alpha   90.000
_cell.angle_beta   90.000
_cell.angle_gamma   90.000
#
_symmetry.space_group_name_H-M   'P 43 21 2'
#
loop_
_entity.id
_entity.type
_entity.pdbx_description
1 polymer 'Mesothelin, cleaved form'
2 polymer 'MORab 15B6 Fab heavy chain'
3 polymer 'MORab 15B6 Fab light chain'
4 water water
#
loop_
_entity_poly.entity_id
_entity_poly.type
_entity_poly.pdbx_seq_one_letter_code
_entity_poly.pdbx_strand_id
1 'polypeptide(L)' IPNGYLVLDLSMQEALS BA2
2 'polypeptide(L)'
;EVQLQQSGPVLVKPGASVKISCKASGYSFTGYYMHWVRQSNGKSLEWIGRINPYTGVPSYKHNFKDKASLTVDKSSSTAY
MELHSLTSEDSAVYYCARELGGYWGQGTTLTVSSAKTTPPSVYPLAPGCGDTTGSSVTLGCLVKGYFPESVTVTWNSGSL
SSSVHTFPALLQSGLYTMSSSVTVPSSTWPSETVTCSVAHPASSTTVDKKLEPS
;
H
3 'polypeptide(L)'
;QAVVTQESALTTSPGETVTLTCRSSTGAVTTGNYPNWVQEKPDHLFTGLIAGTNNRAPGVPARFSGSLIGDKAALTITGA
QTEDEAIYFCALWFSSHWVFGGGTKLTVLGQPKSSPSVTLFPPSSEELETNKATLVCTITDFYPGVVTVDWKVDGTPVTQ
GMETTQPSKQSNNKYMASSYLTLTARAWERHSSFSCQVTHEGHTVEKSSSRAD
;
L
#
# COMPACT_ATOMS: atom_id res chain seq x y z
N ASN A 3 -34.98 27.62 -6.24
CA ASN A 3 -35.70 26.89 -5.20
C ASN A 3 -35.71 25.39 -5.52
N GLY A 4 -36.42 24.63 -4.69
CA GLY A 4 -36.51 23.19 -4.87
C GLY A 4 -35.52 22.45 -4.00
N TYR A 5 -35.33 21.17 -4.34
CA TYR A 5 -34.47 20.29 -3.56
C TYR A 5 -33.02 20.48 -3.99
N LEU A 6 -32.19 20.98 -3.08
CA LEU A 6 -30.79 21.23 -3.35
C LEU A 6 -29.94 20.04 -2.93
N VAL A 7 -29.13 19.54 -3.85
CA VAL A 7 -28.22 18.43 -3.59
C VAL A 7 -26.80 18.99 -3.58
N LEU A 8 -26.11 18.82 -2.47
CA LEU A 8 -24.79 19.40 -2.29
C LEU A 8 -23.68 18.42 -2.66
N ASP A 9 -22.60 18.96 -3.20
CA ASP A 9 -21.33 18.24 -3.31
C ASP A 9 -20.30 19.08 -2.56
N LEU A 10 -20.01 18.71 -1.31
CA LEU A 10 -19.07 19.48 -0.50
C LEU A 10 -17.68 19.49 -1.09
N SER A 11 -17.37 18.57 -2.02
CA SER A 11 -16.09 18.60 -2.71
C SER A 11 -15.91 19.91 -3.47
N MET A 12 -17.01 20.53 -3.89
CA MET A 12 -16.97 21.69 -4.77
C MET A 12 -17.46 22.96 -4.06
N GLN A 13 -17.18 23.06 -2.76
CA GLN A 13 -17.45 24.30 -2.05
C GLN A 13 -16.55 25.42 -2.59
N GLU A 14 -17.10 26.63 -2.61
CA GLU A 14 -16.28 27.80 -2.90
C GLU A 14 -15.31 28.05 -1.75
N ALA A 15 -14.13 28.53 -2.09
CA ALA A 15 -13.14 28.85 -1.06
C ALA A 15 -13.67 29.93 -0.14
N LEU A 16 -13.23 29.88 1.11
CA LEU A 16 -13.53 30.93 2.06
C LEU A 16 -12.61 32.12 1.83
N SER A 17 -13.12 33.31 2.13
CA SER A 17 -12.35 34.55 1.98
C SER A 17 -12.60 35.48 3.15
N GLU B 1 -23.97 10.27 14.14
CA GLU B 1 -22.71 10.44 13.37
C GLU B 1 -22.86 9.81 11.98
N VAL B 2 -22.03 10.26 11.04
CA VAL B 2 -22.08 9.75 9.68
C VAL B 2 -21.38 8.39 9.61
N GLN B 3 -21.97 7.47 8.87
CA GLN B 3 -21.37 6.17 8.62
C GLN B 3 -21.62 5.78 7.17
N LEU B 4 -20.54 5.41 6.48
CA LEU B 4 -20.61 4.91 5.10
C LEU B 4 -20.11 3.46 5.14
N GLN B 5 -21.05 2.52 5.13
CA GLN B 5 -20.75 1.11 5.36
C GLN B 5 -20.79 0.36 4.03
N GLN B 6 -19.62 -0.02 3.52
CA GLN B 6 -19.52 -0.73 2.27
C GLN B 6 -19.64 -2.24 2.47
N SER B 7 -19.96 -2.93 1.39
CA SER B 7 -20.03 -4.38 1.42
C SER B 7 -18.63 -4.99 1.53
N GLY B 8 -18.59 -6.29 1.81
CA GLY B 8 -17.36 -6.95 2.18
C GLY B 8 -16.51 -7.34 0.99
N PRO B 9 -15.35 -7.91 1.28
CA PRO B 9 -14.42 -8.32 0.21
C PRO B 9 -15.03 -9.38 -0.69
N VAL B 10 -14.59 -9.40 -1.94
CA VAL B 10 -15.16 -10.28 -2.95
C VAL B 10 -14.04 -10.79 -3.86
N LEU B 11 -14.10 -12.08 -4.18
CA LEU B 11 -13.24 -12.72 -5.16
C LEU B 11 -14.09 -13.22 -6.31
N VAL B 12 -13.73 -12.85 -7.53
CA VAL B 12 -14.46 -13.27 -8.73
C VAL B 12 -13.45 -13.64 -9.81
N LYS B 13 -13.94 -14.30 -10.85
CA LYS B 13 -13.15 -14.71 -11.98
C LYS B 13 -13.25 -13.70 -13.10
N PRO B 14 -12.25 -13.64 -13.99
CA PRO B 14 -12.30 -12.65 -15.08
C PRO B 14 -13.56 -12.83 -15.93
N GLY B 15 -14.07 -11.71 -16.41
CA GLY B 15 -15.25 -11.71 -17.25
C GLY B 15 -16.56 -11.58 -16.54
N ALA B 16 -16.58 -11.75 -15.21
CA ALA B 16 -17.81 -11.66 -14.44
C ALA B 16 -18.08 -10.18 -14.09
N SER B 17 -19.09 -9.95 -13.25
CA SER B 17 -19.45 -8.62 -12.80
C SER B 17 -19.71 -8.67 -11.30
N VAL B 18 -19.57 -7.52 -10.66
CA VAL B 18 -19.73 -7.40 -9.22
C VAL B 18 -20.48 -6.13 -8.90
N LYS B 19 -21.28 -6.16 -7.83
CA LYS B 19 -22.04 -5.01 -7.37
C LYS B 19 -21.61 -4.71 -5.93
N ILE B 20 -20.99 -3.55 -5.74
CA ILE B 20 -20.52 -3.10 -4.44
C ILE B 20 -21.52 -2.09 -3.88
N SER B 21 -21.80 -2.19 -2.58
CA SER B 21 -22.80 -1.34 -1.93
C SER B 21 -22.12 -0.41 -0.93
N CYS B 22 -22.83 0.68 -0.62
CA CYS B 22 -22.34 1.71 0.31
C CYS B 22 -23.57 2.27 1.02
N LYS B 23 -23.80 1.82 2.25
CA LYS B 23 -24.99 2.20 3.01
C LYS B 23 -24.69 3.44 3.83
N ALA B 24 -25.43 4.52 3.56
CA ALA B 24 -25.19 5.81 4.20
C ALA B 24 -26.08 5.98 5.42
N SER B 25 -25.50 6.46 6.51
CA SER B 25 -26.23 6.68 7.75
C SER B 25 -25.77 7.99 8.37
N GLY B 26 -26.66 8.61 9.15
CA GLY B 26 -26.31 9.78 9.93
C GLY B 26 -26.51 11.11 9.23
N TYR B 27 -27.04 11.12 8.02
CA TYR B 27 -27.29 12.37 7.30
C TYR B 27 -28.34 12.09 6.24
N SER B 28 -28.84 13.16 5.63
CA SER B 28 -29.83 13.04 4.57
C SER B 28 -29.15 12.50 3.31
N PHE B 29 -29.42 11.24 2.98
CA PHE B 29 -28.74 10.58 1.87
C PHE B 29 -28.94 11.34 0.56
N THR B 30 -30.17 11.75 0.28
CA THR B 30 -30.47 12.43 -0.98
C THR B 30 -30.05 13.89 -1.00
N GLY B 31 -29.55 14.42 0.11
CA GLY B 31 -29.08 15.79 0.14
C GLY B 31 -27.64 16.00 -0.26
N TYR B 32 -26.92 14.93 -0.57
CA TYR B 32 -25.50 15.01 -0.90
C TYR B 32 -25.17 14.03 -2.03
N TYR B 33 -24.21 14.43 -2.86
CA TYR B 33 -23.69 13.52 -3.86
C TYR B 33 -22.95 12.36 -3.19
N MET B 34 -22.70 11.31 -3.96
CA MET B 34 -21.84 10.20 -3.53
C MET B 34 -20.80 9.96 -4.61
N HIS B 35 -19.54 9.88 -4.18
CA HIS B 35 -18.41 9.64 -5.09
C HIS B 35 -17.94 8.20 -4.96
N TRP B 36 -17.26 7.73 -6.00
CA TRP B 36 -16.64 6.41 -6.01
C TRP B 36 -15.21 6.55 -6.49
N VAL B 37 -14.30 5.82 -5.82
CA VAL B 37 -12.87 5.96 -6.04
C VAL B 37 -12.24 4.56 -6.03
N ARG B 38 -11.18 4.42 -6.80
CA ARG B 38 -10.43 3.15 -6.91
C ARG B 38 -8.99 3.39 -6.48
N GLN B 39 -8.47 2.47 -5.68
CA GLN B 39 -7.07 2.48 -5.26
C GLN B 39 -6.41 1.18 -5.70
N SER B 40 -5.45 1.29 -6.60
CA SER B 40 -4.69 0.14 -7.08
C SER B 40 -3.20 0.34 -6.78
N ASN B 41 -2.46 -0.75 -6.90
CA ASN B 41 -1.02 -0.67 -6.64
C ASN B 41 -0.30 0.08 -7.74
N GLY B 42 -0.70 -0.14 -9.00
CA GLY B 42 0.00 0.43 -10.13
C GLY B 42 -0.50 1.79 -10.57
N LYS B 43 -1.72 2.15 -10.17
CA LYS B 43 -2.34 3.39 -10.60
C LYS B 43 -2.73 4.32 -9.46
N SER B 44 -2.56 3.90 -8.21
CA SER B 44 -2.84 4.73 -7.03
C SER B 44 -4.32 5.09 -7.06
N LEU B 45 -4.70 6.35 -6.82
CA LEU B 45 -6.09 6.75 -6.66
C LEU B 45 -6.65 7.27 -7.98
N GLU B 46 -7.81 6.76 -8.37
CA GLU B 46 -8.51 7.20 -9.57
C GLU B 46 -9.98 7.43 -9.23
N TRP B 47 -10.51 8.55 -9.73
CA TRP B 47 -11.91 8.91 -9.51
C TRP B 47 -12.77 8.23 -10.57
N ILE B 48 -13.75 7.44 -10.10
CA ILE B 48 -14.62 6.71 -11.02
C ILE B 48 -15.78 7.60 -11.47
N GLY B 49 -16.46 8.24 -10.53
CA GLY B 49 -17.59 9.07 -10.86
C GLY B 49 -18.33 9.48 -9.60
N ARG B 50 -19.46 10.16 -9.81
CA ARG B 50 -20.35 10.55 -8.73
C ARG B 50 -21.78 10.39 -9.20
N ILE B 51 -22.70 10.35 -8.24
CA ILE B 51 -24.11 10.18 -8.54
C ILE B 51 -24.93 11.10 -7.66
N ASN B 52 -25.96 11.71 -8.25
CA ASN B 52 -26.92 12.52 -7.52
C ASN B 52 -28.01 11.60 -7.01
N PRO B 53 -28.11 11.33 -5.71
CA PRO B 53 -29.08 10.33 -5.24
C PRO B 53 -30.52 10.79 -5.37
N TYR B 54 -30.78 12.10 -5.40
CA TYR B 54 -32.14 12.59 -5.52
C TYR B 54 -32.65 12.40 -6.95
N THR B 55 -31.88 12.87 -7.93
CA THR B 55 -32.25 12.71 -9.33
C THR B 55 -31.86 11.35 -9.89
N GLY B 56 -30.90 10.67 -9.28
CA GLY B 56 -30.39 9.42 -9.81
C GLY B 56 -29.43 9.56 -10.97
N VAL B 57 -29.05 10.78 -11.33
CA VAL B 57 -28.20 11.00 -12.49
C VAL B 57 -26.76 10.67 -12.11
N PRO B 58 -26.08 9.77 -12.85
CA PRO B 58 -24.65 9.54 -12.58
C PRO B 58 -23.73 10.28 -13.54
N SER B 59 -22.51 10.55 -13.10
CA SER B 59 -21.47 11.13 -13.95
C SER B 59 -20.20 10.30 -13.79
N TYR B 60 -19.52 10.05 -14.91
CA TYR B 60 -18.37 9.16 -14.92
C TYR B 60 -17.15 9.86 -15.51
N LYS B 61 -15.99 9.50 -14.99
CA LYS B 61 -14.74 9.76 -15.71
C LYS B 61 -14.75 8.95 -17.01
N HIS B 62 -14.17 9.53 -18.07
CA HIS B 62 -14.32 8.95 -19.39
C HIS B 62 -13.86 7.50 -19.43
N ASN B 63 -12.78 7.19 -18.70
CA ASN B 63 -12.20 5.84 -18.76
C ASN B 63 -13.00 4.81 -17.97
N PHE B 64 -14.01 5.23 -17.22
CA PHE B 64 -14.84 4.31 -16.45
C PHE B 64 -16.28 4.23 -16.96
N LYS B 65 -16.59 4.88 -18.09
CA LYS B 65 -17.97 4.98 -18.52
C LYS B 65 -18.57 3.61 -18.85
N ASP B 66 -17.80 2.74 -19.49
CA ASP B 66 -18.25 1.41 -19.84
C ASP B 66 -17.86 0.36 -18.81
N LYS B 67 -17.10 0.74 -17.79
CA LYS B 67 -16.68 -0.20 -16.75
C LYS B 67 -17.62 -0.19 -15.54
N ALA B 68 -18.11 0.98 -15.15
CA ALA B 68 -18.89 1.13 -13.92
C ALA B 68 -20.27 1.66 -14.23
N SER B 69 -21.25 1.23 -13.42
CA SER B 69 -22.61 1.73 -13.47
C SER B 69 -23.03 2.10 -12.06
N LEU B 70 -23.37 3.36 -11.84
CA LEU B 70 -23.72 3.86 -10.52
C LEU B 70 -25.24 3.96 -10.39
N THR B 71 -25.76 3.46 -9.27
CA THR B 71 -27.18 3.52 -8.97
C THR B 71 -27.35 3.78 -7.48
N VAL B 72 -28.59 4.05 -7.08
CA VAL B 72 -28.92 4.24 -5.68
C VAL B 72 -30.26 3.59 -5.38
N ASP B 73 -30.46 3.26 -4.12
CA ASP B 73 -31.76 2.83 -3.59
C ASP B 73 -32.15 3.86 -2.54
N LYS B 74 -33.05 4.79 -2.90
CA LYS B 74 -33.46 5.83 -1.97
C LYS B 74 -34.15 5.25 -0.75
N SER B 75 -34.83 4.11 -0.90
CA SER B 75 -35.57 3.52 0.22
C SER B 75 -34.63 3.08 1.33
N SER B 76 -33.48 2.52 0.99
CA SER B 76 -32.51 2.05 1.98
C SER B 76 -31.35 3.00 2.15
N SER B 77 -31.33 4.11 1.41
CA SER B 77 -30.22 5.07 1.45
C SER B 77 -28.89 4.35 1.21
N THR B 78 -28.84 3.59 0.12
CA THR B 78 -27.65 2.84 -0.26
C THR B 78 -27.26 3.21 -1.68
N ALA B 79 -25.97 3.46 -1.89
CA ALA B 79 -25.41 3.69 -3.22
C ALA B 79 -24.74 2.41 -3.70
N TYR B 80 -24.84 2.16 -5.01
CA TYR B 80 -24.30 0.94 -5.61
C TYR B 80 -23.37 1.30 -6.77
N MET B 81 -22.35 0.47 -6.96
CA MET B 81 -21.48 0.55 -8.13
C MET B 81 -21.31 -0.86 -8.68
N GLU B 82 -21.74 -1.06 -9.93
CA GLU B 82 -21.59 -2.34 -10.60
C GLU B 82 -20.45 -2.24 -11.62
N LEU B 83 -19.50 -3.16 -11.52
CA LEU B 83 -18.36 -3.22 -12.43
C LEU B 83 -18.56 -4.36 -13.41
N HIS B 84 -18.28 -4.09 -14.68
CA HIS B 84 -18.56 -5.02 -15.76
C HIS B 84 -17.27 -5.55 -16.38
N SER B 85 -17.39 -6.70 -17.04
CA SER B 85 -16.30 -7.32 -17.79
C SER B 85 -14.99 -7.24 -17.01
N LEU B 86 -15.00 -7.83 -15.84
CA LEU B 86 -13.87 -7.71 -14.92
C LEU B 86 -12.63 -8.40 -15.48
N THR B 87 -11.50 -7.74 -15.33
CA THR B 87 -10.18 -8.29 -15.64
C THR B 87 -9.31 -8.19 -14.39
N SER B 88 -8.14 -8.82 -14.46
CA SER B 88 -7.22 -8.78 -13.32
C SER B 88 -6.81 -7.35 -12.99
N GLU B 89 -6.79 -6.46 -13.98
CA GLU B 89 -6.44 -5.07 -13.74
C GLU B 89 -7.51 -4.33 -12.95
N ASP B 90 -8.71 -4.89 -12.81
CA ASP B 90 -9.75 -4.28 -11.99
C ASP B 90 -9.60 -4.63 -10.51
N SER B 91 -8.63 -5.47 -10.16
CA SER B 91 -8.36 -5.78 -8.76
C SER B 91 -7.88 -4.51 -8.06
N ALA B 92 -8.57 -4.14 -6.98
CA ALA B 92 -8.25 -2.91 -6.27
C ALA B 92 -9.14 -2.75 -5.04
N VAL B 93 -8.91 -1.70 -4.27
CA VAL B 93 -9.79 -1.31 -3.19
C VAL B 93 -10.67 -0.17 -3.70
N TYR B 94 -11.98 -0.33 -3.56
CA TYR B 94 -12.94 0.64 -4.04
C TYR B 94 -13.60 1.33 -2.85
N TYR B 95 -13.73 2.65 -2.95
CA TYR B 95 -14.30 3.45 -1.87
C TYR B 95 -15.49 4.24 -2.38
N CYS B 96 -16.48 4.40 -1.51
CA CYS B 96 -17.46 5.47 -1.64
C CYS B 96 -17.04 6.61 -0.73
N ALA B 97 -17.42 7.82 -1.09
CA ALA B 97 -17.09 8.99 -0.29
C ALA B 97 -18.15 10.05 -0.55
N ARG B 98 -18.73 10.59 0.51
CA ARG B 98 -19.70 11.67 0.33
C ARG B 98 -19.04 12.90 -0.26
N GLU B 99 -17.79 13.17 0.11
CA GLU B 99 -16.98 14.20 -0.51
C GLU B 99 -15.51 13.81 -0.33
N LEU B 100 -14.70 14.18 -1.33
CA LEU B 100 -13.30 13.72 -1.33
C LEU B 100 -12.55 14.23 -0.10
N GLY B 101 -12.82 15.47 0.30
CA GLY B 101 -12.23 16.02 1.50
C GLY B 101 -13.11 15.87 2.73
N GLY B 102 -13.90 14.80 2.78
CA GLY B 102 -14.74 14.54 3.94
C GLY B 102 -14.87 13.08 4.29
N TYR B 103 -16.11 12.58 4.35
CA TYR B 103 -16.37 11.23 4.81
C TYR B 103 -16.15 10.20 3.71
N TRP B 104 -15.36 9.17 4.03
CA TRP B 104 -15.10 8.04 3.13
C TRP B 104 -15.62 6.74 3.76
N GLY B 105 -16.02 5.81 2.91
CA GLY B 105 -16.29 4.47 3.37
C GLY B 105 -15.01 3.72 3.71
N GLN B 106 -15.16 2.51 4.25
CA GLN B 106 -14.00 1.77 4.71
C GLN B 106 -13.29 1.02 3.60
N GLY B 107 -13.83 1.00 2.39
CA GLY B 107 -13.20 0.35 1.27
C GLY B 107 -13.68 -1.08 1.09
N THR B 108 -13.75 -1.51 -0.17
CA THR B 108 -14.11 -2.88 -0.52
C THR B 108 -13.00 -3.45 -1.40
N THR B 109 -12.33 -4.49 -0.91
CA THR B 109 -11.25 -5.12 -1.66
C THR B 109 -11.83 -6.10 -2.67
N LEU B 110 -11.57 -5.85 -3.94
CA LEU B 110 -12.01 -6.72 -5.03
C LEU B 110 -10.78 -7.42 -5.61
N THR B 111 -10.83 -8.75 -5.65
CA THR B 111 -9.80 -9.55 -6.31
C THR B 111 -10.44 -10.21 -7.53
N VAL B 112 -9.84 -10.00 -8.69
CA VAL B 112 -10.26 -10.63 -9.94
C VAL B 112 -9.12 -11.52 -10.39
N SER B 113 -9.33 -12.83 -10.33
CA SER B 113 -8.27 -13.79 -10.64
C SER B 113 -8.87 -15.10 -11.13
N SER B 114 -8.20 -15.71 -12.10
CA SER B 114 -8.56 -17.04 -12.58
C SER B 114 -7.83 -18.15 -11.83
N ALA B 115 -6.97 -17.79 -10.88
CA ALA B 115 -6.18 -18.78 -10.16
C ALA B 115 -7.07 -19.63 -9.25
N LYS B 116 -6.65 -20.87 -9.04
CA LYS B 116 -7.34 -21.79 -8.15
C LYS B 116 -6.58 -21.89 -6.83
N THR B 117 -7.28 -22.38 -5.81
CA THR B 117 -6.67 -22.55 -4.49
C THR B 117 -5.38 -23.35 -4.60
N THR B 118 -4.29 -22.77 -4.08
CA THR B 118 -2.97 -23.35 -4.22
C THR B 118 -2.21 -23.26 -2.90
N PRO B 119 -1.73 -24.36 -2.35
CA PRO B 119 -0.94 -24.28 -1.11
C PRO B 119 0.40 -23.61 -1.36
N PRO B 120 1.00 -23.03 -0.34
CA PRO B 120 2.34 -22.43 -0.52
C PRO B 120 3.44 -23.46 -0.53
N SER B 121 4.49 -23.14 -1.28
CA SER B 121 5.77 -23.83 -1.19
C SER B 121 6.68 -23.00 -0.28
N VAL B 122 7.15 -23.61 0.81
CA VAL B 122 7.92 -22.91 1.82
C VAL B 122 9.39 -23.28 1.66
N TYR B 123 10.23 -22.28 1.49
CA TYR B 123 11.66 -22.47 1.31
C TYR B 123 12.43 -21.80 2.44
N PRO B 124 13.49 -22.41 2.95
CA PRO B 124 14.21 -21.83 4.07
C PRO B 124 15.14 -20.71 3.64
N LEU B 125 15.18 -19.65 4.44
CA LEU B 125 16.10 -18.54 4.26
C LEU B 125 17.12 -18.64 5.39
N ALA B 126 18.37 -18.94 5.02
CA ALA B 126 19.44 -19.10 5.99
C ALA B 126 20.72 -18.51 5.42
N PRO B 127 21.66 -18.10 6.27
CA PRO B 127 22.92 -17.56 5.76
C PRO B 127 23.77 -18.65 5.12
N GLY B 128 24.63 -18.23 4.20
CA GLY B 128 25.49 -19.15 3.51
C GLY B 128 26.55 -19.75 4.40
N CYS B 129 27.18 -20.82 3.91
CA CYS B 129 28.23 -21.49 4.67
C CYS B 129 29.40 -20.56 4.91
N GLY B 130 29.68 -19.65 3.97
CA GLY B 130 30.74 -18.68 4.11
C GLY B 130 30.35 -17.42 4.84
N ASP B 131 29.21 -17.40 5.52
CA ASP B 131 28.77 -16.22 6.23
C ASP B 131 29.66 -15.95 7.44
N THR B 132 29.75 -14.68 7.83
CA THR B 132 30.53 -14.27 8.98
C THR B 132 29.67 -14.28 10.23
N THR B 133 30.18 -14.89 11.30
CA THR B 133 29.42 -14.99 12.53
C THR B 133 29.32 -13.64 13.22
N GLY B 134 28.15 -13.38 13.81
CA GLY B 134 27.93 -12.19 14.60
C GLY B 134 27.23 -12.52 15.91
N SER B 135 27.02 -11.48 16.71
CA SER B 135 26.31 -11.67 17.98
C SER B 135 24.95 -12.31 17.77
N SER B 136 24.30 -12.03 16.63
CA SER B 136 23.00 -12.57 16.31
C SER B 136 23.02 -13.17 14.92
N VAL B 137 21.91 -13.81 14.55
CA VAL B 137 21.73 -14.42 13.24
C VAL B 137 20.29 -14.23 12.81
N THR B 138 20.10 -13.86 11.54
CA THR B 138 18.77 -13.60 10.99
C THR B 138 18.40 -14.75 10.07
N LEU B 139 17.27 -15.40 10.36
CA LEU B 139 16.75 -16.50 9.58
C LEU B 139 15.42 -16.09 8.99
N GLY B 140 14.89 -16.91 8.07
CA GLY B 140 13.62 -16.57 7.46
C GLY B 140 13.02 -17.75 6.74
N CYS B 141 11.85 -17.50 6.15
CA CYS B 141 11.13 -18.49 5.37
C CYS B 141 10.46 -17.80 4.19
N LEU B 142 10.72 -18.30 2.99
CA LEU B 142 10.11 -17.79 1.78
C LEU B 142 8.85 -18.60 1.49
N VAL B 143 7.72 -17.91 1.37
CA VAL B 143 6.43 -18.52 1.12
C VAL B 143 6.00 -18.10 -0.28
N LYS B 144 6.12 -19.01 -1.25
CA LYS B 144 5.92 -18.67 -2.64
C LYS B 144 4.78 -19.48 -3.25
N GLY B 145 3.99 -18.83 -4.10
CA GLY B 145 3.07 -19.52 -4.97
C GLY B 145 1.79 -20.01 -4.35
N TYR B 146 1.19 -19.23 -3.47
CA TYR B 146 -0.07 -19.62 -2.83
C TYR B 146 -1.20 -18.70 -3.29
N PHE B 147 -2.42 -19.19 -3.12
CA PHE B 147 -3.62 -18.43 -3.49
C PHE B 147 -4.82 -19.12 -2.84
N PRO B 148 -5.77 -18.36 -2.29
CA PRO B 148 -5.78 -16.90 -2.13
C PRO B 148 -5.03 -16.48 -0.88
N GLU B 149 -4.99 -15.19 -0.58
CA GLU B 149 -4.49 -14.78 0.73
C GLU B 149 -5.46 -15.25 1.82
N SER B 150 -4.96 -15.35 3.05
CA SER B 150 -3.61 -15.00 3.45
C SER B 150 -2.97 -16.18 4.19
N VAL B 151 -1.68 -16.05 4.50
CA VAL B 151 -0.97 -17.02 5.31
C VAL B 151 -0.65 -16.37 6.65
N THR B 152 -0.41 -17.21 7.65
CA THR B 152 0.02 -16.77 8.97
C THR B 152 1.29 -17.54 9.33
N VAL B 153 2.39 -16.82 9.51
CA VAL B 153 3.68 -17.42 9.82
C VAL B 153 3.93 -17.31 11.31
N THR B 154 4.33 -18.42 11.93
CA THR B 154 4.66 -18.49 13.34
C THR B 154 6.03 -19.14 13.50
N TRP B 155 6.82 -18.64 14.43
CA TRP B 155 8.16 -19.16 14.69
C TRP B 155 8.18 -19.83 16.06
N ASN B 156 8.47 -21.14 16.06
CA ASN B 156 8.60 -21.92 17.29
C ASN B 156 7.36 -21.77 18.18
N SER B 157 6.19 -21.99 17.58
CA SER B 157 4.92 -21.99 18.31
C SER B 157 4.71 -20.69 19.08
N GLY B 158 5.29 -19.59 18.59
CA GLY B 158 5.06 -18.29 19.17
C GLY B 158 6.09 -17.84 20.19
N SER B 159 6.93 -18.75 20.68
CA SER B 159 7.92 -18.35 21.69
C SER B 159 8.80 -17.22 21.18
N LEU B 160 9.06 -17.16 19.88
CA LEU B 160 9.76 -16.04 19.26
C LEU B 160 8.72 -15.16 18.57
N SER B 161 8.67 -13.89 18.96
CA SER B 161 7.68 -12.97 18.41
C SER B 161 8.20 -11.54 18.41
N SER B 162 8.98 -11.18 19.43
CA SER B 162 9.52 -9.82 19.50
C SER B 162 10.46 -9.56 18.33
N SER B 163 11.31 -10.52 18.00
CA SER B 163 12.30 -10.38 16.94
C SER B 163 11.79 -10.84 15.58
N VAL B 164 10.49 -11.05 15.43
CA VAL B 164 9.92 -11.52 14.18
C VAL B 164 9.56 -10.32 13.32
N HIS B 165 9.75 -10.45 12.01
CA HIS B 165 9.36 -9.43 11.04
C HIS B 165 8.72 -10.14 9.87
N THR B 166 7.39 -10.03 9.76
CA THR B 166 6.63 -10.68 8.69
C THR B 166 6.21 -9.63 7.67
N PHE B 167 6.55 -9.86 6.41
CA PHE B 167 6.45 -8.85 5.37
C PHE B 167 5.19 -9.04 4.53
N PRO B 168 4.71 -7.98 3.89
CA PRO B 168 3.49 -8.08 3.10
C PRO B 168 3.68 -8.96 1.87
N ALA B 169 2.56 -9.47 1.37
CA ALA B 169 2.55 -10.33 0.20
C ALA B 169 2.60 -9.49 -1.08
N LEU B 170 3.17 -10.09 -2.13
CA LEU B 170 3.19 -9.49 -3.45
C LEU B 170 2.64 -10.48 -4.46
N LEU B 171 1.90 -9.98 -5.44
CA LEU B 171 1.35 -10.81 -6.51
C LEU B 171 2.41 -10.99 -7.58
N GLN B 172 2.71 -12.25 -7.91
CA GLN B 172 3.72 -12.57 -8.91
C GLN B 172 3.30 -13.82 -9.67
N SER B 173 3.14 -13.68 -10.98
CA SER B 173 2.78 -14.81 -11.84
C SER B 173 1.45 -15.43 -11.43
N GLY B 174 0.47 -14.57 -11.12
CA GLY B 174 -0.85 -15.02 -10.75
C GLY B 174 -0.98 -15.62 -9.38
N LEU B 175 0.11 -15.71 -8.62
CA LEU B 175 0.10 -16.27 -7.28
C LEU B 175 0.79 -15.29 -6.33
N TYR B 176 0.61 -15.52 -5.03
CA TYR B 176 1.12 -14.64 -4.00
C TYR B 176 2.41 -15.18 -3.41
N THR B 177 3.30 -14.26 -3.04
CA THR B 177 4.59 -14.57 -2.44
C THR B 177 4.83 -13.63 -1.27
N MET B 178 5.26 -14.18 -0.14
CA MET B 178 5.60 -13.39 1.03
C MET B 178 6.80 -14.03 1.72
N SER B 179 7.31 -13.34 2.73
CA SER B 179 8.47 -13.84 3.48
C SER B 179 8.39 -13.34 4.91
N SER B 180 9.02 -14.10 5.81
CA SER B 180 9.09 -13.75 7.22
C SER B 180 10.50 -14.00 7.71
N SER B 181 10.93 -13.22 8.69
CA SER B 181 12.28 -13.32 9.23
C SER B 181 12.24 -13.28 10.75
N VAL B 182 13.27 -13.87 11.36
CA VAL B 182 13.45 -13.82 12.81
C VAL B 182 14.94 -13.67 13.09
N THR B 183 15.26 -12.95 14.17
CA THR B 183 16.62 -12.76 14.61
C THR B 183 16.79 -13.40 15.99
N VAL B 184 17.78 -14.28 16.11
CA VAL B 184 18.05 -14.98 17.36
C VAL B 184 19.53 -14.84 17.69
N PRO B 185 19.90 -15.06 18.94
CA PRO B 185 21.33 -15.06 19.29
C PRO B 185 22.07 -16.18 18.58
N SER B 186 23.30 -15.90 18.18
CA SER B 186 24.11 -16.91 17.52
C SER B 186 24.31 -18.14 18.41
N SER B 187 24.26 -17.95 19.73
CA SER B 187 24.43 -19.07 20.65
C SER B 187 23.19 -19.96 20.73
N THR B 188 22.09 -19.57 20.08
CA THR B 188 20.87 -20.36 20.11
C THR B 188 20.64 -21.15 18.82
N TRP B 189 21.25 -20.73 17.71
CA TRP B 189 21.12 -21.43 16.44
C TRP B 189 22.51 -21.56 15.81
N PRO B 190 22.85 -22.73 15.27
CA PRO B 190 22.02 -23.93 15.11
C PRO B 190 21.99 -24.83 16.34
N SER B 191 22.55 -24.36 17.46
CA SER B 191 22.60 -25.19 18.66
C SER B 191 21.20 -25.62 19.10
N GLU B 192 20.19 -24.80 18.82
CA GLU B 192 18.81 -25.11 19.18
C GLU B 192 17.92 -24.96 17.95
N THR B 193 16.72 -25.53 18.04
CA THR B 193 15.83 -25.61 16.89
C THR B 193 15.09 -24.30 16.66
N VAL B 194 15.05 -23.89 15.39
CA VAL B 194 14.28 -22.72 14.96
C VAL B 194 13.41 -23.18 13.79
N THR B 195 12.09 -23.08 13.96
CA THR B 195 11.14 -23.57 12.97
C THR B 195 10.10 -22.50 12.67
N CYS B 196 9.76 -22.37 11.39
CA CYS B 196 8.68 -21.49 10.95
C CYS B 196 7.49 -22.34 10.53
N SER B 197 6.30 -21.98 10.99
CA SER B 197 5.07 -22.68 10.68
C SER B 197 4.19 -21.77 9.84
N VAL B 198 3.89 -22.20 8.61
CA VAL B 198 3.16 -21.40 7.64
C VAL B 198 1.79 -22.03 7.45
N ALA B 199 0.76 -21.37 7.99
CA ALA B 199 -0.61 -21.84 7.88
C ALA B 199 -1.32 -21.14 6.73
N HIS B 200 -2.00 -21.92 5.90
CA HIS B 200 -2.78 -21.41 4.77
C HIS B 200 -4.16 -22.04 4.86
N PRO B 201 -5.08 -21.45 5.63
CA PRO B 201 -6.38 -22.10 5.85
C PRO B 201 -7.15 -22.38 4.57
N ALA B 202 -7.03 -21.53 3.55
CA ALA B 202 -7.83 -21.73 2.34
C ALA B 202 -7.58 -23.10 1.73
N SER B 203 -6.32 -23.56 1.74
CA SER B 203 -5.98 -24.88 1.22
C SER B 203 -5.98 -25.96 2.29
N SER B 204 -6.38 -25.62 3.52
CA SER B 204 -6.41 -26.58 4.63
C SER B 204 -5.03 -27.20 4.86
N THR B 205 -3.98 -26.43 4.62
CA THR B 205 -2.61 -26.93 4.64
C THR B 205 -1.73 -26.05 5.52
N THR B 206 -0.84 -26.68 6.28
CA THR B 206 0.16 -25.99 7.06
C THR B 206 1.51 -26.66 6.81
N VAL B 207 2.55 -25.85 6.67
CA VAL B 207 3.89 -26.33 6.33
C VAL B 207 4.88 -25.75 7.34
N ASP B 208 5.62 -26.62 8.00
CA ASP B 208 6.66 -26.22 8.95
C ASP B 208 8.02 -26.54 8.34
N LYS B 209 8.94 -25.59 8.41
CA LYS B 209 10.31 -25.78 7.95
C LYS B 209 11.26 -25.54 9.11
N LYS B 210 12.07 -26.55 9.43
CA LYS B 210 13.13 -26.38 10.40
C LYS B 210 14.36 -25.80 9.71
N LEU B 211 14.87 -24.71 10.25
CA LEU B 211 16.00 -24.01 9.64
C LEU B 211 17.30 -24.76 9.95
N GLU B 212 18.03 -25.14 8.90
CA GLU B 212 19.31 -25.82 9.02
C GLU B 212 20.40 -24.98 8.37
N PRO B 213 21.64 -25.09 8.86
CA PRO B 213 22.75 -24.37 8.21
C PRO B 213 22.88 -24.79 6.75
N SER B 214 23.00 -23.80 5.87
CA SER B 214 23.15 -24.06 4.44
C SER B 214 24.33 -24.97 4.17
N GLN C 1 -4.28 13.45 -19.30
CA GLN C 1 -3.54 14.64 -19.78
C GLN C 1 -3.15 15.52 -18.61
N ALA C 2 -4.13 15.84 -17.77
CA ALA C 2 -3.90 16.63 -16.56
C ALA C 2 -3.33 15.71 -15.49
N VAL C 3 -2.07 15.94 -15.11
CA VAL C 3 -1.39 15.14 -14.10
C VAL C 3 -1.14 16.02 -12.89
N VAL C 4 -1.44 15.49 -11.70
CA VAL C 4 -1.28 16.20 -10.44
C VAL C 4 -0.08 15.59 -9.72
N THR C 5 0.81 16.46 -9.24
CA THR C 5 2.05 16.02 -8.59
C THR C 5 2.17 16.60 -7.20
N GLN C 6 2.55 15.74 -6.25
CA GLN C 6 2.86 16.11 -4.89
C GLN C 6 4.28 15.65 -4.55
N GLU C 7 4.81 16.19 -3.45
CA GLU C 7 6.10 15.71 -2.96
C GLU C 7 6.01 14.24 -2.59
N SER C 8 7.03 13.47 -2.94
CA SER C 8 7.02 12.05 -2.62
C SER C 8 6.99 11.83 -1.12
N ALA C 9 7.87 12.51 -0.39
CA ALA C 9 7.96 12.32 1.05
C ALA C 9 8.45 13.61 1.70
N LEU C 10 7.99 13.84 2.93
CA LEU C 10 8.41 14.98 3.73
C LEU C 10 8.57 14.53 5.18
N THR C 11 9.47 15.19 5.89
CA THR C 11 9.74 14.89 7.29
C THR C 11 9.65 16.16 8.11
N THR C 12 8.97 16.07 9.26
CA THR C 12 8.91 17.16 10.22
C THR C 12 8.99 16.56 11.62
N SER C 13 8.96 17.43 12.62
CA SER C 13 9.04 17.03 14.02
C SER C 13 7.81 17.53 14.78
N PRO C 14 7.49 16.92 15.92
CA PRO C 14 6.33 17.37 16.69
C PRO C 14 6.45 18.84 17.08
N GLY C 15 5.37 19.59 16.87
CA GLY C 15 5.33 20.99 17.20
C GLY C 15 5.76 21.93 16.10
N GLU C 16 6.36 21.41 15.03
CA GLU C 16 6.78 22.25 13.92
C GLU C 16 5.65 22.42 12.90
N THR C 17 5.90 23.28 11.92
CA THR C 17 4.95 23.55 10.85
C THR C 17 5.52 22.99 9.54
N VAL C 18 4.69 22.25 8.80
CA VAL C 18 5.09 21.64 7.53
C VAL C 18 4.03 21.98 6.49
N THR C 19 4.47 22.18 5.25
CA THR C 19 3.58 22.52 4.14
C THR C 19 3.74 21.51 3.02
N LEU C 20 2.62 20.95 2.59
CA LEU C 20 2.56 20.05 1.44
C LEU C 20 1.95 20.80 0.27
N THR C 21 2.50 20.60 -0.93
CA THR C 21 2.02 21.30 -2.12
C THR C 21 1.42 20.31 -3.12
N CYS C 22 0.67 20.87 -4.07
CA CYS C 22 -0.12 20.10 -5.03
C CYS C 22 -0.16 20.93 -6.31
N ARG C 23 0.48 20.45 -7.36
CA ARG C 23 0.62 21.21 -8.59
C ARG C 23 -0.02 20.47 -9.76
N SER C 24 -0.38 21.23 -10.79
CA SER C 24 -1.00 20.70 -11.99
C SER C 24 -0.05 20.88 -13.18
N SER C 25 -0.04 19.87 -14.05
CA SER C 25 0.83 19.93 -15.24
C SER C 25 0.28 20.89 -16.29
N THR C 26 -1.02 21.10 -16.31
CA THR C 26 -1.66 21.88 -17.37
C THR C 26 -1.66 23.38 -17.11
N GLY C 27 -1.54 23.80 -15.86
CA GLY C 27 -1.54 25.22 -15.56
C GLY C 27 -1.57 25.45 -14.06
N ALA C 28 -1.85 26.70 -13.70
CA ALA C 28 -1.91 27.07 -12.29
C ALA C 28 -3.14 26.45 -11.64
N VAL C 29 -3.00 26.15 -10.35
CA VAL C 29 -4.11 25.65 -9.53
C VAL C 29 -4.83 26.86 -8.94
N THR C 30 -6.16 26.88 -9.09
CA THR C 30 -6.98 27.96 -8.57
C THR C 30 -8.19 27.37 -7.84
N THR C 31 -9.03 28.26 -7.29
CA THR C 31 -10.24 27.81 -6.62
C THR C 31 -11.18 27.09 -7.58
N GLY C 32 -11.07 27.36 -8.88
CA GLY C 32 -11.83 26.61 -9.86
C GLY C 32 -11.49 25.15 -9.96
N ASN C 33 -10.35 24.74 -9.39
CA ASN C 33 -9.99 23.33 -9.30
C ASN C 33 -10.44 22.69 -7.99
N TYR C 34 -11.12 23.45 -7.13
CA TYR C 34 -11.70 22.96 -5.88
C TYR C 34 -10.81 21.93 -5.17
N PRO C 35 -9.60 22.33 -4.77
CA PRO C 35 -8.69 21.35 -4.16
C PRO C 35 -9.29 20.69 -2.93
N ASN C 36 -9.23 19.37 -2.91
CA ASN C 36 -9.61 18.56 -1.75
C ASN C 36 -8.36 17.83 -1.23
N TRP C 37 -8.29 17.66 0.08
CA TRP C 37 -7.19 16.95 0.72
C TRP C 37 -7.73 15.85 1.60
N VAL C 38 -7.09 14.68 1.56
CA VAL C 38 -7.53 13.52 2.32
C VAL C 38 -6.31 12.78 2.86
N GLN C 39 -6.48 12.23 4.05
CA GLN C 39 -5.41 11.54 4.78
C GLN C 39 -5.66 10.04 4.74
N GLU C 40 -4.61 9.27 4.43
CA GLU C 40 -4.67 7.82 4.46
C GLU C 40 -3.75 7.31 5.57
N LYS C 41 -4.34 6.58 6.53
CA LYS C 41 -3.58 5.89 7.56
C LYS C 41 -3.56 4.39 7.28
N PRO C 42 -2.66 3.65 7.93
CA PRO C 42 -2.44 2.25 7.54
C PRO C 42 -3.71 1.42 7.60
N ASP C 43 -3.85 0.53 6.61
CA ASP C 43 -4.99 -0.36 6.47
C ASP C 43 -6.15 0.36 5.79
N HIS C 44 -5.81 1.24 4.83
CA HIS C 44 -6.80 1.82 3.91
C HIS C 44 -7.83 2.69 4.64
N LEU C 45 -7.36 3.49 5.60
CA LEU C 45 -8.23 4.34 6.41
C LEU C 45 -8.15 5.77 5.89
N PHE C 46 -9.17 6.19 5.16
CA PHE C 46 -9.19 7.53 4.55
C PHE C 46 -10.03 8.47 5.40
N THR C 47 -9.46 9.66 5.69
CA THR C 47 -10.14 10.69 6.46
C THR C 47 -10.00 12.00 5.71
N GLY C 48 -11.13 12.56 5.28
CA GLY C 48 -11.10 13.83 4.56
C GLY C 48 -10.71 14.98 5.48
N LEU C 49 -9.91 15.90 4.94
CA LEU C 49 -9.37 17.01 5.69
C LEU C 49 -9.89 18.36 5.22
N ILE C 50 -9.74 18.65 3.93
CA ILE C 50 -10.04 19.97 3.37
C ILE C 50 -10.85 19.76 2.10
N ALA C 51 -11.89 20.56 1.92
CA ALA C 51 -12.67 20.57 0.69
C ALA C 51 -12.80 22.00 0.18
N GLY C 52 -12.79 22.14 -1.13
CA GLY C 52 -13.00 23.46 -1.74
C GLY C 52 -11.92 24.45 -1.33
N THR C 53 -10.67 24.06 -1.52
CA THR C 53 -9.50 24.89 -1.26
C THR C 53 -9.18 24.99 0.22
N ASN C 54 -10.16 25.38 1.05
CA ASN C 54 -9.83 25.67 2.44
C ASN C 54 -10.98 25.45 3.43
N ASN C 55 -12.01 24.70 3.07
CA ASN C 55 -13.10 24.40 4.00
C ASN C 55 -12.74 23.14 4.78
N ARG C 56 -12.41 23.31 6.05
CA ARG C 56 -11.97 22.19 6.88
C ARG C 56 -13.18 21.33 7.26
N ALA C 57 -13.03 20.03 7.07
CA ALA C 57 -14.13 19.11 7.36
C ALA C 57 -14.44 19.13 8.85
N PRO C 58 -15.70 18.88 9.23
CA PRO C 58 -16.05 18.89 10.64
C PRO C 58 -15.31 17.80 11.40
N GLY C 59 -14.80 18.16 12.58
CA GLY C 59 -14.06 17.24 13.42
C GLY C 59 -12.57 17.20 13.17
N VAL C 60 -12.10 17.77 12.08
CA VAL C 60 -10.65 17.77 11.78
C VAL C 60 -9.98 18.82 12.65
N PRO C 61 -8.87 18.49 13.32
CA PRO C 61 -8.20 19.49 14.16
C PRO C 61 -7.88 20.76 13.38
N ALA C 62 -7.86 21.88 14.10
CA ALA C 62 -7.62 23.18 13.48
C ALA C 62 -6.19 23.35 12.98
N ARG C 63 -5.27 22.47 13.38
CA ARG C 63 -3.90 22.58 12.90
C ARG C 63 -3.79 22.28 11.41
N PHE C 64 -4.81 21.67 10.81
CA PHE C 64 -4.84 21.43 9.37
C PHE C 64 -5.54 22.61 8.69
N SER C 65 -4.91 23.16 7.66
CA SER C 65 -5.52 24.25 6.91
C SER C 65 -5.08 24.16 5.45
N GLY C 66 -6.01 24.46 4.56
CA GLY C 66 -5.72 24.48 3.13
C GLY C 66 -5.61 25.88 2.59
N SER C 67 -4.90 26.04 1.47
CA SER C 67 -4.75 27.35 0.86
C SER C 67 -4.24 27.17 -0.56
N LEU C 68 -4.06 28.29 -1.24
CA LEU C 68 -3.32 28.37 -2.50
C LEU C 68 -2.05 29.17 -2.26
N ILE C 69 -0.93 28.64 -2.70
CA ILE C 69 0.36 29.32 -2.61
C ILE C 69 0.90 29.44 -4.04
N GLY C 70 0.87 30.64 -4.59
CA GLY C 70 1.29 30.82 -5.97
C GLY C 70 0.37 30.07 -6.90
N ASP C 71 0.95 29.17 -7.70
CA ASP C 71 0.19 28.40 -8.69
C ASP C 71 -0.12 26.98 -8.20
N LYS C 72 -0.03 26.73 -6.90
CA LYS C 72 -0.21 25.40 -6.35
C LYS C 72 -1.17 25.45 -5.17
N ALA C 73 -1.83 24.32 -4.92
CA ALA C 73 -2.61 24.13 -3.71
C ALA C 73 -1.69 23.63 -2.61
N ALA C 74 -2.01 24.03 -1.37
CA ALA C 74 -1.14 23.71 -0.24
C ALA C 74 -1.97 23.26 0.95
N LEU C 75 -1.45 22.25 1.65
CA LEU C 75 -1.98 21.81 2.93
C LEU C 75 -0.91 22.10 3.99
N THR C 76 -1.27 22.91 4.98
CA THR C 76 -0.35 23.31 6.04
C THR C 76 -0.79 22.69 7.35
N ILE C 77 0.17 22.05 8.05
CA ILE C 77 -0.06 21.52 9.38
C ILE C 77 0.76 22.35 10.34
N THR C 78 0.09 23.18 11.14
CA THR C 78 0.75 24.07 12.10
C THR C 78 0.77 23.37 13.46
N GLY C 79 1.95 22.94 13.88
CA GLY C 79 2.08 22.21 15.13
C GLY C 79 1.81 20.73 14.96
N ALA C 80 2.58 20.08 14.09
CA ALA C 80 2.33 18.69 13.76
C ALA C 80 2.44 17.81 15.00
N GLN C 81 1.60 16.78 15.05
CA GLN C 81 1.61 15.78 16.10
C GLN C 81 2.04 14.43 15.52
N THR C 82 2.51 13.55 16.42
CA THR C 82 3.03 12.26 15.96
C THR C 82 1.96 11.46 15.22
N GLU C 83 0.69 11.60 15.61
CA GLU C 83 -0.37 10.85 14.94
C GLU C 83 -0.63 11.35 13.53
N ASP C 84 -0.03 12.48 13.13
CA ASP C 84 -0.15 12.97 11.77
C ASP C 84 0.76 12.25 10.78
N GLU C 85 1.59 11.31 11.25
CA GLU C 85 2.41 10.51 10.34
C GLU C 85 1.48 9.66 9.48
N ALA C 86 1.46 9.93 8.17
CA ALA C 86 0.47 9.33 7.29
C ALA C 86 0.73 9.76 5.86
N ILE C 87 -0.09 9.28 4.93
CA ILE C 87 -0.02 9.68 3.53
C ILE C 87 -1.14 10.68 3.27
N TYR C 88 -0.82 11.74 2.53
CA TYR C 88 -1.78 12.81 2.25
C TYR C 88 -1.92 12.98 0.75
N PHE C 89 -3.16 12.92 0.27
CA PHE C 89 -3.48 13.07 -1.14
C PHE C 89 -4.23 14.36 -1.38
N CYS C 90 -3.96 14.99 -2.52
CA CYS C 90 -4.77 16.09 -3.02
C CYS C 90 -5.54 15.61 -4.24
N ALA C 91 -6.71 16.21 -4.47
CA ALA C 91 -7.53 15.93 -5.63
C ALA C 91 -7.96 17.26 -6.24
N LEU C 92 -7.86 17.36 -7.56
CA LEU C 92 -8.20 18.58 -8.28
C LEU C 92 -9.29 18.31 -9.32
N TRP C 93 -10.15 19.31 -9.52
CA TRP C 93 -11.26 19.20 -10.45
C TRP C 93 -10.89 19.89 -11.76
N PHE C 94 -11.08 19.17 -12.87
CA PHE C 94 -10.77 19.66 -14.21
C PHE C 94 -12.03 19.58 -15.06
N SER C 95 -12.91 20.56 -14.88
CA SER C 95 -14.09 20.73 -15.74
C SER C 95 -15.14 19.65 -15.54
N SER C 96 -14.74 18.38 -15.65
CA SER C 96 -15.71 17.30 -15.60
C SER C 96 -15.22 16.03 -14.91
N HIS C 97 -14.08 16.08 -14.22
CA HIS C 97 -13.60 14.90 -13.50
C HIS C 97 -12.53 15.33 -12.51
N TRP C 98 -12.27 14.45 -11.54
CA TRP C 98 -11.24 14.67 -10.54
C TRP C 98 -9.97 13.92 -10.92
N VAL C 99 -8.84 14.49 -10.52
CA VAL C 99 -7.54 13.83 -10.66
C VAL C 99 -6.82 13.92 -9.33
N PHE C 100 -6.36 12.78 -8.83
CA PHE C 100 -5.62 12.71 -7.58
C PHE C 100 -4.12 12.88 -7.84
N GLY C 101 -3.44 13.56 -6.92
CA GLY C 101 -2.00 13.49 -6.87
C GLY C 101 -1.54 12.12 -6.40
N GLY C 102 -0.23 11.88 -6.55
CA GLY C 102 0.34 10.61 -6.17
C GLY C 102 0.47 10.39 -4.67
N GLY C 103 0.23 11.42 -3.87
CA GLY C 103 0.31 11.29 -2.43
C GLY C 103 1.68 11.64 -1.89
N THR C 104 1.69 12.17 -0.67
CA THR C 104 2.90 12.56 0.02
C THR C 104 2.99 11.78 1.34
N LYS C 105 4.06 11.02 1.51
CA LYS C 105 4.31 10.34 2.77
C LYS C 105 4.91 11.34 3.75
N LEU C 106 4.20 11.60 4.84
CA LEU C 106 4.63 12.56 5.85
C LEU C 106 5.12 11.82 7.08
N THR C 107 6.37 12.07 7.46
CA THR C 107 6.93 11.57 8.70
C THR C 107 6.90 12.67 9.75
N VAL C 108 6.38 12.35 10.93
CA VAL C 108 6.47 13.23 12.10
C VAL C 108 7.27 12.46 13.14
N LEU C 109 8.55 12.81 13.28
CA LEU C 109 9.49 12.03 14.08
C LEU C 109 8.98 11.79 15.49
N GLY C 110 8.57 10.56 15.78
CA GLY C 110 8.20 10.14 17.11
C GLY C 110 9.31 9.48 17.88
N GLN C 111 10.49 9.34 17.26
CA GLN C 111 11.64 8.69 17.87
C GLN C 111 12.86 9.06 17.06
N PRO C 112 14.06 8.76 17.55
CA PRO C 112 15.27 9.05 16.76
C PRO C 112 15.26 8.27 15.45
N LYS C 113 15.90 8.86 14.44
CA LYS C 113 16.04 8.19 13.16
C LYS C 113 16.85 6.91 13.33
N SER C 114 16.64 5.97 12.42
CA SER C 114 17.24 4.64 12.53
C SER C 114 17.61 4.14 11.14
N SER C 115 18.85 3.68 10.99
CA SER C 115 19.32 3.13 9.73
C SER C 115 18.78 1.70 9.54
N PRO C 116 18.64 1.25 8.31
CA PRO C 116 18.10 -0.09 8.07
C PRO C 116 19.10 -1.20 8.36
N SER C 117 18.56 -2.31 8.86
CA SER C 117 19.30 -3.56 8.98
C SER C 117 18.98 -4.41 7.76
N VAL C 118 20.00 -4.71 6.95
CA VAL C 118 19.81 -5.38 5.68
C VAL C 118 20.39 -6.79 5.77
N THR C 119 19.65 -7.75 5.23
CA THR C 119 20.06 -9.15 5.17
C THR C 119 19.69 -9.70 3.81
N LEU C 120 20.68 -10.25 3.10
CA LEU C 120 20.49 -10.84 1.80
C LEU C 120 20.62 -12.35 1.92
N PHE C 121 19.61 -13.07 1.43
CA PHE C 121 19.60 -14.53 1.48
C PHE C 121 19.77 -15.11 0.08
N PRO C 122 20.40 -16.28 -0.04
CA PRO C 122 20.59 -16.88 -1.35
C PRO C 122 19.41 -17.77 -1.70
N PRO C 123 19.33 -18.22 -2.96
CA PRO C 123 18.30 -19.22 -3.30
C PRO C 123 18.59 -20.52 -2.58
N SER C 124 17.55 -21.07 -1.94
CA SER C 124 17.71 -22.34 -1.24
C SER C 124 17.88 -23.48 -2.25
N SER C 125 18.63 -24.51 -1.84
CA SER C 125 18.78 -25.68 -2.69
C SER C 125 17.43 -26.25 -3.08
N GLU C 126 16.45 -26.18 -2.17
CA GLU C 126 15.12 -26.72 -2.47
C GLU C 126 14.48 -26.00 -3.65
N GLU C 127 14.58 -24.66 -3.69
CA GLU C 127 13.95 -23.92 -4.78
C GLU C 127 14.70 -24.15 -6.09
N LEU C 128 16.04 -24.18 -6.05
CA LEU C 128 16.80 -24.40 -7.27
C LEU C 128 16.36 -25.67 -7.98
N GLU C 129 15.96 -26.70 -7.23
CA GLU C 129 15.51 -27.94 -7.84
C GLU C 129 14.22 -27.76 -8.63
N THR C 130 13.48 -26.69 -8.39
CA THR C 130 12.26 -26.40 -9.13
C THR C 130 12.52 -25.59 -10.40
N ASN C 131 13.79 -25.40 -10.77
CA ASN C 131 14.19 -24.59 -11.91
C ASN C 131 14.00 -23.10 -11.67
N LYS C 132 13.81 -22.69 -10.41
CA LYS C 132 13.60 -21.30 -10.05
C LYS C 132 14.64 -20.87 -9.01
N ALA C 133 14.85 -19.56 -8.91
CA ALA C 133 15.79 -19.01 -7.95
C ALA C 133 15.32 -17.62 -7.53
N THR C 134 15.20 -17.42 -6.22
CA THR C 134 14.73 -16.15 -5.66
C THR C 134 15.70 -15.72 -4.57
N LEU C 135 16.29 -14.54 -4.73
CA LEU C 135 17.07 -13.91 -3.68
C LEU C 135 16.19 -12.97 -2.89
N VAL C 136 16.34 -13.00 -1.56
CA VAL C 136 15.49 -12.23 -0.65
C VAL C 136 16.35 -11.26 0.13
N CYS C 137 15.97 -9.98 0.09
CA CYS C 137 16.67 -8.91 0.79
C CYS C 137 15.70 -8.30 1.79
N THR C 138 15.82 -8.70 3.06
CA THR C 138 14.98 -8.17 4.11
C THR C 138 15.59 -6.89 4.69
N ILE C 139 14.74 -5.89 4.92
CA ILE C 139 15.18 -4.59 5.42
C ILE C 139 14.27 -4.24 6.59
N THR C 140 14.85 -4.06 7.78
CA THR C 140 14.07 -3.81 8.98
C THR C 140 14.61 -2.63 9.76
N ASP C 141 13.77 -2.12 10.65
CA ASP C 141 14.17 -1.20 11.70
C ASP C 141 14.72 0.12 11.16
N PHE C 142 14.12 0.63 10.10
CA PHE C 142 14.49 1.93 9.56
C PHE C 142 13.38 2.94 9.81
N TYR C 143 13.78 4.18 10.08
CA TYR C 143 12.87 5.27 10.37
C TYR C 143 13.58 6.55 9.95
N PRO C 144 12.94 7.41 9.15
CA PRO C 144 11.60 7.35 8.55
C PRO C 144 11.38 6.15 7.63
N GLY C 145 10.13 5.81 7.40
CA GLY C 145 9.80 4.62 6.62
C GLY C 145 9.84 4.81 5.12
N VAL C 146 10.97 5.29 4.60
CA VAL C 146 11.15 5.50 3.17
C VAL C 146 12.52 4.95 2.79
N VAL C 147 12.55 4.03 1.81
CA VAL C 147 13.80 3.47 1.32
C VAL C 147 13.71 3.29 -0.19
N THR C 148 14.89 3.26 -0.82
CA THR C 148 15.04 2.89 -2.22
C THR C 148 15.92 1.66 -2.28
N VAL C 149 15.53 0.68 -3.11
CA VAL C 149 16.24 -0.57 -3.25
C VAL C 149 16.67 -0.74 -4.70
N ASP C 150 17.95 -1.04 -4.90
CA ASP C 150 18.50 -1.30 -6.23
C ASP C 150 19.25 -2.62 -6.20
N TRP C 151 19.09 -3.41 -7.27
CA TRP C 151 19.75 -4.69 -7.39
C TRP C 151 20.80 -4.62 -8.49
N LYS C 152 21.88 -5.38 -8.29
CA LYS C 152 22.96 -5.47 -9.27
C LYS C 152 23.41 -6.91 -9.39
N VAL C 153 23.63 -7.35 -10.63
CA VAL C 153 24.14 -8.69 -10.92
C VAL C 153 25.42 -8.51 -11.73
N ASP C 154 26.53 -9.05 -11.23
CA ASP C 154 27.83 -8.88 -11.87
C ASP C 154 28.16 -7.41 -12.08
N GLY C 155 27.69 -6.56 -11.17
CA GLY C 155 27.93 -5.14 -11.25
C GLY C 155 26.98 -4.37 -12.15
N THR C 156 26.10 -5.04 -12.87
CA THR C 156 25.17 -4.38 -13.77
C THR C 156 23.87 -4.07 -13.04
N PRO C 157 23.35 -2.85 -13.11
CA PRO C 157 22.06 -2.56 -12.47
C PRO C 157 20.95 -3.42 -13.08
N VAL C 158 20.17 -4.05 -12.20
CA VAL C 158 19.05 -4.87 -12.64
C VAL C 158 17.84 -3.98 -12.89
N THR C 159 17.14 -4.24 -13.99
CA THR C 159 15.95 -3.49 -14.36
C THR C 159 14.71 -4.36 -14.53
N GLN C 160 14.85 -5.68 -14.48
CA GLN C 160 13.72 -6.59 -14.66
C GLN C 160 13.82 -7.72 -13.64
N GLY C 161 12.66 -8.24 -13.26
CA GLY C 161 12.61 -9.38 -12.36
C GLY C 161 12.80 -9.07 -10.90
N MET C 162 12.65 -7.81 -10.49
CA MET C 162 12.78 -7.42 -9.09
C MET C 162 11.53 -6.67 -8.67
N GLU C 163 11.10 -6.92 -7.42
CA GLU C 163 9.96 -6.24 -6.84
C GLU C 163 10.18 -6.08 -5.36
N THR C 164 9.68 -4.97 -4.81
CA THR C 164 9.86 -4.64 -3.40
C THR C 164 8.51 -4.31 -2.77
N THR C 165 8.35 -4.70 -1.51
CA THR C 165 7.12 -4.38 -0.78
C THR C 165 7.15 -2.91 -0.34
N GLN C 166 5.96 -2.38 -0.10
CA GLN C 166 5.89 -1.03 0.46
C GLN C 166 6.22 -1.08 1.95
N PRO C 167 6.99 -0.12 2.45
CA PRO C 167 7.36 -0.15 3.88
C PRO C 167 6.15 -0.33 4.78
N SER C 168 6.28 -1.23 5.74
CA SER C 168 5.22 -1.55 6.70
C SER C 168 5.73 -1.26 8.10
N LYS C 169 4.84 -0.78 8.96
CA LYS C 169 5.23 -0.34 10.29
C LYS C 169 5.46 -1.54 11.20
N GLN C 170 6.56 -1.49 11.94
CA GLN C 170 6.86 -2.51 12.94
C GLN C 170 6.17 -2.18 14.26
N SER C 171 6.24 -3.12 15.21
CA SER C 171 5.62 -2.89 16.50
C SER C 171 6.26 -1.71 17.23
N ASN C 172 7.56 -1.50 17.02
CA ASN C 172 8.26 -0.38 17.63
C ASN C 172 8.15 0.90 16.83
N ASN C 173 7.26 0.94 15.83
CA ASN C 173 6.94 2.11 15.02
C ASN C 173 8.05 2.46 14.04
N LYS C 174 9.10 1.65 13.94
CA LYS C 174 9.99 1.70 12.80
C LYS C 174 9.32 0.96 11.63
N TYR C 175 10.02 0.87 10.51
CA TYR C 175 9.44 0.28 9.31
C TYR C 175 10.32 -0.84 8.77
N MET C 176 9.70 -1.69 7.94
CA MET C 176 10.36 -2.84 7.35
C MET C 176 9.88 -3.00 5.92
N ALA C 177 10.72 -3.64 5.10
CA ALA C 177 10.36 -3.97 3.74
C ALA C 177 11.21 -5.16 3.30
N SER C 178 10.77 -5.82 2.24
CA SER C 178 11.49 -6.93 1.65
C SER C 178 11.51 -6.77 0.14
N SER C 179 12.64 -7.12 -0.47
CA SER C 179 12.80 -7.04 -1.92
C SER C 179 13.20 -8.40 -2.46
N TYR C 180 12.68 -8.74 -3.63
CA TYR C 180 12.88 -10.05 -4.24
C TYR C 180 13.49 -9.89 -5.64
N LEU C 181 14.42 -10.78 -5.97
CA LEU C 181 14.99 -10.86 -7.31
C LEU C 181 14.66 -12.26 -7.83
N THR C 182 13.65 -12.35 -8.68
CA THR C 182 13.18 -13.63 -9.21
C THR C 182 13.99 -13.98 -10.46
N LEU C 183 14.64 -15.14 -10.42
CA LEU C 183 15.49 -15.57 -11.52
C LEU C 183 15.21 -17.04 -11.83
N THR C 184 15.57 -17.44 -13.05
CA THR C 184 15.57 -18.84 -13.40
C THR C 184 16.80 -19.53 -12.81
N ALA C 185 16.70 -20.84 -12.62
CA ALA C 185 17.84 -21.60 -12.12
C ALA C 185 19.07 -21.37 -13.00
N ARG C 186 18.89 -21.41 -14.32
CA ARG C 186 20.02 -21.21 -15.22
C ARG C 186 20.59 -19.81 -15.08
N ALA C 187 19.74 -18.80 -14.97
CA ALA C 187 20.23 -17.43 -14.79
C ALA C 187 21.07 -17.33 -13.52
N TRP C 188 20.62 -17.94 -12.43
CA TRP C 188 21.38 -17.91 -11.18
C TRP C 188 22.76 -18.50 -11.36
N GLU C 189 22.85 -19.68 -11.98
CA GLU C 189 24.12 -20.35 -12.19
C GLU C 189 24.95 -19.75 -13.31
N ARG C 190 24.41 -18.78 -14.05
CA ARG C 190 25.12 -18.16 -15.16
C ARG C 190 25.74 -16.82 -14.80
N HIS C 191 25.57 -16.36 -13.55
CA HIS C 191 26.14 -15.10 -13.11
C HIS C 191 26.87 -15.32 -11.79
N SER C 192 27.77 -14.39 -11.47
CA SER C 192 28.67 -14.56 -10.33
C SER C 192 28.21 -13.81 -9.09
N SER C 193 28.18 -12.49 -9.16
CA SER C 193 27.88 -11.65 -8.00
C SER C 193 26.45 -11.12 -8.07
N PHE C 194 25.79 -11.07 -6.92
CA PHE C 194 24.43 -10.56 -6.78
C PHE C 194 24.42 -9.60 -5.60
N SER C 195 23.72 -8.47 -5.76
CA SER C 195 23.79 -7.39 -4.78
C SER C 195 22.43 -6.76 -4.52
N CYS C 196 22.20 -6.38 -3.27
CA CYS C 196 21.02 -5.62 -2.85
C CYS C 196 21.50 -4.32 -2.22
N GLN C 197 21.17 -3.20 -2.85
CA GLN C 197 21.56 -1.88 -2.37
C GLN C 197 20.33 -1.16 -1.84
N VAL C 198 20.39 -0.72 -0.59
CA VAL C 198 19.28 -0.07 0.09
C VAL C 198 19.74 1.31 0.54
N THR C 199 19.05 2.35 0.07
CA THR C 199 19.39 3.72 0.41
C THR C 199 18.33 4.30 1.34
N HIS C 200 18.78 4.95 2.41
CA HIS C 200 17.90 5.47 3.45
C HIS C 200 18.49 6.77 3.96
N GLU C 201 17.68 7.82 3.98
CA GLU C 201 18.14 9.15 4.38
C GLU C 201 19.40 9.55 3.60
N GLY C 202 19.44 9.15 2.33
CA GLY C 202 20.57 9.46 1.49
C GLY C 202 21.81 8.63 1.75
N HIS C 203 21.73 7.61 2.60
CA HIS C 203 22.85 6.73 2.91
C HIS C 203 22.60 5.36 2.30
N THR C 204 23.60 4.86 1.58
CA THR C 204 23.49 3.58 0.90
C THR C 204 24.28 2.51 1.65
N VAL C 205 23.61 1.42 2.00
CA VAL C 205 24.26 0.23 2.55
C VAL C 205 24.14 -0.88 1.52
N GLU C 206 25.06 -1.84 1.59
CA GLU C 206 25.16 -2.89 0.59
C GLU C 206 25.29 -4.25 1.25
N LYS C 207 24.65 -5.25 0.66
CA LYS C 207 24.87 -6.65 0.99
C LYS C 207 24.98 -7.43 -0.32
N SER C 208 25.99 -8.30 -0.42
CA SER C 208 26.26 -9.02 -1.65
C SER C 208 26.51 -10.49 -1.33
N SER C 209 26.27 -11.33 -2.34
CA SER C 209 26.54 -12.75 -2.27
C SER C 209 27.04 -13.20 -3.62
N SER C 210 28.23 -13.80 -3.66
CA SER C 210 28.83 -14.31 -4.88
C SER C 210 28.87 -15.83 -4.83
N ARG C 211 28.55 -16.46 -5.95
CA ARG C 211 28.63 -17.92 -6.02
C ARG C 211 30.06 -18.39 -5.79
N ALA C 212 30.27 -19.11 -4.69
CA ALA C 212 31.60 -19.58 -4.35
C ALA C 212 32.18 -20.42 -5.48
N ASP C 213 33.51 -20.41 -5.57
CA ASP C 213 34.22 -21.19 -6.58
C ASP C 213 34.03 -22.68 -6.34
#